data_5DIA
#
_entry.id   5DIA
#
_cell.length_a   97.0790
_cell.length_b   97.0790
_cell.length_c   80.6870
_cell.angle_alpha   90
_cell.angle_beta   90
_cell.angle_gamma   120
#
_symmetry.space_group_name_H-M   'P 65'
#
loop_
_entity.id
_entity.type
_entity.pdbx_description
1 polymer 'Serine/threonine-protein kinase pim-1'
2 non-polymer (1S,3S)-N-{6-[5-(pyridin-3-yl)-1H-pyrazolo[3,4-c]pyridin-3-yl]pyridin-2-yl}cyclohexane-1,3-diamine
3 water water
#
_entity_poly.entity_id   1
_entity_poly.type   'polypeptide(L)'
_entity_poly.pdbx_seq_one_letter_code
;MKEKEPLESQYQVGPLLGSGGFGSVYSGIRVSDNLPVAIKHVEKDRISDWGELPNGTRVPMEVVLLKKVSSGFSGVIRLL
DWFERPDSFVLILERPEPVQDLFDFITERGALQEELARSFFWQVLEAVRHCHNCGVLHRDIKDENILIDLNRGELKLIDF
GSGALLKDTVYTDFDGTRVYSPPEWIRYHRYHGRSAAVWSLGILLYDMVCGDIPFEHDEEIIRGQVFFRQRVSSECQHLI
RWCLALRPSDRPTFEEIQNHPWMQDVLLPQETAEIHLHSLSPGPSKKLAAALEHHHHHH
;
_entity_poly.pdbx_strand_id   A
#
loop_
_chem_comp.id
_chem_comp.type
_chem_comp.name
_chem_comp.formula
5E6 non-polymer (1S,3S)-N-{6-[5-(pyridin-3-yl)-1H-pyrazolo[3,4-c]pyridin-3-yl]pyridin-2-yl}cyclohexane-1,3-diamine 'C22 H23 N7'
#
# COMPACT_ATOMS: atom_id res chain seq x y z
N PRO A 6 30.23 -4.61 -0.80
CA PRO A 6 29.75 -5.64 -1.72
C PRO A 6 28.50 -6.32 -1.18
N LEU A 7 27.36 -6.10 -1.83
CA LEU A 7 26.10 -6.70 -1.40
C LEU A 7 26.02 -8.14 -1.85
N GLU A 8 26.80 -8.50 -2.87
CA GLU A 8 26.76 -9.83 -3.45
C GLU A 8 27.14 -10.91 -2.43
N SER A 9 27.90 -10.52 -1.41
CA SER A 9 28.40 -11.48 -0.43
C SER A 9 27.71 -11.36 0.93
N GLN A 10 27.03 -10.23 1.15
CA GLN A 10 26.31 -10.02 2.41
C GLN A 10 24.96 -10.71 2.38
N TYR A 11 24.47 -11.01 1.18
CA TYR A 11 23.14 -11.58 1.03
C TYR A 11 23.12 -12.82 0.15
N GLN A 12 22.45 -13.86 0.61
CA GLN A 12 22.23 -15.04 -0.21
C GLN A 12 20.92 -14.86 -0.98
N VAL A 13 21.05 -14.71 -2.29
CA VAL A 13 19.89 -14.43 -3.13
C VAL A 13 19.04 -15.68 -3.34
N GLY A 14 17.73 -15.54 -3.15
CA GLY A 14 16.80 -16.63 -3.37
C GLY A 14 15.99 -16.43 -4.64
N PRO A 15 14.82 -17.07 -4.72
CA PRO A 15 13.95 -17.01 -5.89
C PRO A 15 13.40 -15.61 -6.16
N LEU A 16 13.08 -15.34 -7.42
CA LEU A 16 12.40 -14.11 -7.80
C LEU A 16 10.98 -14.15 -7.24
N LEU A 17 10.62 -13.14 -6.45
CA LEU A 17 9.29 -13.06 -5.87
C LEU A 17 8.30 -12.49 -6.89
N GLY A 18 8.79 -11.61 -7.75
CA GLY A 18 7.97 -11.01 -8.79
C GLY A 18 8.64 -9.83 -9.45
N SER A 19 8.04 -9.36 -10.54
CA SER A 19 8.56 -8.20 -11.26
C SER A 19 7.42 -7.47 -11.97
N GLY A 20 7.67 -6.20 -12.30
CA GLY A 20 6.68 -5.38 -12.97
C GLY A 20 7.16 -3.95 -13.11
N GLY A 21 6.23 -3.02 -13.15
CA GLY A 21 6.58 -1.61 -13.27
C GLY A 21 7.54 -1.16 -12.19
N PHE A 22 7.47 -1.80 -11.03
CA PHE A 22 8.29 -1.44 -9.88
C PHE A 22 9.72 -1.93 -10.00
N GLY A 23 9.94 -2.93 -10.86
CA GLY A 23 11.25 -3.51 -11.05
C GLY A 23 11.23 -5.00 -10.79
N SER A 24 12.28 -5.51 -10.15
CA SER A 24 12.35 -6.93 -9.83
C SER A 24 12.69 -7.14 -8.35
N VAL A 25 11.94 -8.02 -7.70
CA VAL A 25 12.10 -8.25 -6.27
C VAL A 25 12.42 -9.71 -5.97
N TYR A 26 13.50 -9.93 -5.23
CA TYR A 26 13.94 -11.29 -4.91
C TYR A 26 13.81 -11.58 -3.42
N SER A 27 13.59 -12.85 -3.10
CA SER A 27 13.70 -13.31 -1.73
C SER A 27 15.18 -13.42 -1.41
N GLY A 28 15.54 -13.11 -0.17
CA GLY A 28 16.94 -13.14 0.23
C GLY A 28 17.13 -13.45 1.70
N ILE A 29 18.39 -13.62 2.08
CA ILE A 29 18.73 -13.89 3.47
C ILE A 29 20.05 -13.22 3.82
N ARG A 30 20.03 -12.34 4.81
CA ARG A 30 21.25 -11.70 5.26
C ARG A 30 22.17 -12.74 5.90
N VAL A 31 23.37 -12.87 5.35
CA VAL A 31 24.30 -13.92 5.76
C VAL A 31 24.75 -13.83 7.21
N SER A 32 24.88 -12.60 7.72
CA SER A 32 25.39 -12.41 9.08
C SER A 32 24.50 -13.05 10.14
N ASP A 33 23.19 -12.88 10.01
CA ASP A 33 22.26 -13.40 11.01
C ASP A 33 21.10 -14.20 10.41
N ASN A 34 21.16 -14.46 9.13
CA ASN A 34 20.13 -15.22 8.45
C ASN A 34 18.75 -14.54 8.44
N LEU A 35 18.70 -13.24 8.60
CA LEU A 35 17.44 -12.53 8.61
C LEU A 35 16.84 -12.58 7.24
N PRO A 36 15.60 -12.96 7.13
CA PRO A 36 14.93 -12.98 5.83
C PRO A 36 14.84 -11.58 5.32
N VAL A 37 15.07 -11.38 4.04
CA VAL A 37 15.02 -10.07 3.44
C VAL A 37 14.44 -10.11 2.04
N ALA A 38 14.07 -8.96 1.53
CA ALA A 38 13.65 -8.84 0.14
C ALA A 38 14.64 -7.93 -0.58
N ILE A 39 15.03 -8.33 -1.78
CA ILE A 39 16.02 -7.58 -2.54
C ILE A 39 15.42 -7.01 -3.81
N LYS A 40 15.28 -5.69 -3.85
CA LYS A 40 14.60 -5.01 -4.95
C LYS A 40 15.57 -4.30 -5.88
N HIS A 41 15.47 -4.62 -7.18
CA HIS A 41 16.29 -3.98 -8.19
C HIS A 41 15.44 -3.04 -9.05
N VAL A 42 15.91 -1.81 -9.22
CA VAL A 42 15.23 -0.86 -10.10
C VAL A 42 16.24 -0.16 -11.01
N GLU A 43 15.99 -0.22 -12.31
CA GLU A 43 16.88 0.39 -13.28
C GLU A 43 16.82 1.92 -13.22
N LYS A 44 17.99 2.55 -13.32
CA LYS A 44 18.08 4.01 -13.26
C LYS A 44 17.28 4.68 -14.36
N ASP A 45 17.28 4.07 -15.55
CA ASP A 45 16.56 4.61 -16.69
C ASP A 45 15.05 4.67 -16.41
N ARG A 46 14.62 3.84 -15.47
CA ARG A 46 13.21 3.67 -15.18
C ARG A 46 12.78 4.56 -14.02
N ILE A 47 13.74 5.27 -13.44
CA ILE A 47 13.46 6.17 -12.33
C ILE A 47 13.36 7.62 -12.80
N SER A 48 12.19 8.21 -12.62
CA SER A 48 11.97 9.60 -13.03
C SER A 48 11.89 10.51 -11.81
N ASP A 49 11.54 9.92 -10.66
CA ASP A 49 11.39 10.69 -9.43
C ASP A 49 12.64 10.56 -8.56
N TRP A 50 13.39 11.66 -8.45
CA TRP A 50 14.64 11.65 -7.71
C TRP A 50 14.59 12.57 -6.49
N GLY A 51 15.33 12.21 -5.45
CA GLY A 51 15.35 12.99 -4.23
C GLY A 51 16.75 13.21 -3.70
N GLU A 52 16.85 13.97 -2.61
CA GLU A 52 18.13 14.28 -1.99
C GLU A 52 18.21 13.73 -0.57
N LEU A 53 19.30 13.03 -0.28
CA LEU A 53 19.53 12.51 1.06
C LEU A 53 19.99 13.63 1.98
N PRO A 54 19.75 13.49 3.28
CA PRO A 54 20.11 14.53 4.27
C PRO A 54 21.59 14.90 4.21
N ASN A 55 22.40 14.06 3.57
CA ASN A 55 23.82 14.34 3.43
C ASN A 55 24.18 14.78 2.02
N GLY A 56 23.17 15.13 1.23
CA GLY A 56 23.37 15.63 -0.12
C GLY A 56 23.89 14.59 -1.08
N THR A 57 23.00 13.78 -1.64
CA THR A 57 23.37 12.78 -2.64
C THR A 57 22.17 12.41 -3.50
N ARG A 58 22.44 12.03 -4.74
CA ARG A 58 21.39 11.68 -5.68
C ARG A 58 20.89 10.25 -5.49
N VAL A 59 19.64 10.12 -5.05
CA VAL A 59 19.03 8.83 -4.81
C VAL A 59 17.59 8.84 -5.28
N PRO A 60 17.04 7.67 -5.65
CA PRO A 60 15.63 7.60 -6.01
C PRO A 60 14.77 8.12 -4.86
N MET A 61 13.70 8.85 -5.20
CA MET A 61 12.80 9.38 -4.18
C MET A 61 12.30 8.25 -3.27
N GLU A 62 12.13 7.07 -3.85
CA GLU A 62 11.67 5.91 -3.10
C GLU A 62 12.52 5.68 -1.86
N VAL A 63 13.83 5.82 -2.00
CA VAL A 63 14.75 5.66 -0.88
C VAL A 63 14.52 6.75 0.17
N VAL A 64 14.32 7.98 -0.30
CA VAL A 64 14.05 9.10 0.60
C VAL A 64 12.79 8.84 1.42
N LEU A 65 11.71 8.45 0.74
CA LEU A 65 10.44 8.17 1.39
C LEU A 65 10.56 7.03 2.39
N LEU A 66 11.21 5.94 1.97
CA LEU A 66 11.39 4.78 2.82
C LEU A 66 12.13 5.12 4.11
N LYS A 67 13.20 5.89 3.99
CA LYS A 67 13.96 6.32 5.16
C LYS A 67 13.10 7.11 6.14
N LYS A 68 12.17 7.91 5.61
CA LYS A 68 11.31 8.75 6.43
C LYS A 68 10.27 7.95 7.21
N VAL A 69 9.90 6.79 6.69
CA VAL A 69 8.84 5.99 7.32
C VAL A 69 9.39 4.77 8.08
N SER A 70 10.68 4.50 7.92
CA SER A 70 11.28 3.32 8.54
C SER A 70 11.63 3.54 10.01
N SER A 71 11.02 2.74 10.88
CA SER A 71 11.29 2.78 12.31
C SER A 71 10.36 1.87 13.09
N GLY A 72 10.11 2.23 14.35
CA GLY A 72 9.30 1.42 15.26
C GLY A 72 8.00 0.88 14.67
N PHE A 73 7.08 1.78 14.33
CA PHE A 73 5.80 1.39 13.76
C PHE A 73 6.00 0.56 12.51
N SER A 74 5.72 -0.73 12.61
CA SER A 74 5.99 -1.65 11.51
C SER A 74 4.76 -1.96 10.65
N GLY A 75 3.92 -0.95 10.42
CA GLY A 75 2.82 -1.08 9.49
C GLY A 75 3.36 -0.99 8.08
N VAL A 76 4.59 -0.53 7.98
CA VAL A 76 5.28 -0.39 6.70
C VAL A 76 6.53 -1.24 6.69
N ILE A 77 6.76 -1.96 5.59
CA ILE A 77 7.98 -2.73 5.44
C ILE A 77 9.18 -1.79 5.44
N ARG A 78 10.11 -2.05 6.36
CA ARG A 78 11.24 -1.14 6.58
C ARG A 78 12.40 -1.39 5.61
N LEU A 79 13.07 -0.30 5.24
CA LEU A 79 14.28 -0.38 4.43
C LEU A 79 15.46 -0.62 5.35
N LEU A 80 16.22 -1.68 5.07
CA LEU A 80 17.36 -2.04 5.92
C LEU A 80 18.66 -1.46 5.39
N ASP A 81 18.76 -1.36 4.06
CA ASP A 81 19.98 -0.86 3.43
C ASP A 81 19.74 -0.71 1.93
N TRP A 82 20.67 -0.06 1.25
CA TRP A 82 20.54 0.15 -0.19
C TRP A 82 21.91 0.35 -0.84
N PHE A 83 22.00 -0.01 -2.11
CA PHE A 83 23.26 0.11 -2.85
C PHE A 83 23.03 0.72 -4.22
N GLU A 84 24.02 1.46 -4.71
CA GLU A 84 23.96 2.00 -6.06
C GLU A 84 24.88 1.20 -6.98
N ARG A 85 24.32 0.75 -8.11
CA ARG A 85 25.11 0.11 -9.15
C ARG A 85 25.17 1.02 -10.37
N PRO A 86 26.03 0.69 -11.34
CA PRO A 86 26.20 1.49 -12.54
C PRO A 86 24.88 1.88 -13.20
N ASP A 87 23.98 0.92 -13.36
CA ASP A 87 22.74 1.16 -14.10
C ASP A 87 21.48 0.88 -13.28
N SER A 88 21.63 0.75 -11.96
CA SER A 88 20.48 0.42 -11.12
C SER A 88 20.73 0.71 -9.65
N PHE A 89 19.64 0.72 -8.88
CA PHE A 89 19.71 0.79 -7.43
C PHE A 89 19.18 -0.50 -6.84
N VAL A 90 19.75 -0.92 -5.72
CA VAL A 90 19.31 -2.14 -5.06
C VAL A 90 18.88 -1.83 -3.63
N LEU A 91 17.64 -2.17 -3.29
CA LEU A 91 17.12 -1.93 -1.95
C LEU A 91 16.99 -3.23 -1.18
N ILE A 92 17.48 -3.22 0.06
CA ILE A 92 17.33 -4.37 0.94
C ILE A 92 16.21 -4.08 1.94
N LEU A 93 15.16 -4.89 1.90
CA LEU A 93 13.97 -4.63 2.72
C LEU A 93 13.62 -5.79 3.65
N GLU A 94 13.01 -5.46 4.78
CA GLU A 94 12.49 -6.45 5.71
C GLU A 94 11.52 -7.38 5.01
N ARG A 95 11.59 -8.68 5.32
CA ARG A 95 10.67 -9.65 4.72
C ARG A 95 10.04 -10.57 5.76
N PRO A 96 8.72 -10.42 5.98
CA PRO A 96 7.99 -11.29 6.90
C PRO A 96 7.89 -12.71 6.34
N GLU A 97 7.69 -13.69 7.23
CA GLU A 97 7.62 -15.09 6.82
C GLU A 97 6.86 -15.91 7.86
N PRO A 98 5.89 -16.70 7.44
CA PRO A 98 5.40 -16.79 6.08
C PRO A 98 4.53 -15.61 5.69
N VAL A 99 4.44 -15.32 4.41
CA VAL A 99 3.73 -14.17 3.92
C VAL A 99 2.97 -14.42 2.62
N GLN A 100 1.89 -13.69 2.41
CA GLN A 100 1.13 -13.66 1.17
C GLN A 100 0.62 -12.24 0.93
N ASP A 101 0.63 -11.74 -0.31
CA ASP A 101 0.06 -10.41 -0.53
C ASP A 101 -1.46 -10.47 -0.54
N LEU A 102 -2.10 -9.33 -0.27
CA LEU A 102 -3.54 -9.28 -0.10
C LEU A 102 -4.29 -9.70 -1.36
N PHE A 103 -3.70 -9.43 -2.53
CA PHE A 103 -4.32 -9.80 -3.80
C PHE A 103 -4.49 -11.30 -3.91
N ASP A 104 -3.41 -12.04 -3.63
CA ASP A 104 -3.47 -13.49 -3.66
C ASP A 104 -4.42 -14.04 -2.61
N PHE A 105 -4.37 -13.45 -1.42
CA PHE A 105 -5.22 -13.87 -0.31
C PHE A 105 -6.69 -13.78 -0.70
N ILE A 106 -7.08 -12.63 -1.25
CA ILE A 106 -8.46 -12.43 -1.71
C ILE A 106 -8.81 -13.39 -2.84
N THR A 107 -7.90 -13.51 -3.80
CA THR A 107 -8.12 -14.38 -4.94
C THR A 107 -8.45 -15.82 -4.53
N GLU A 108 -7.68 -16.34 -3.57
CA GLU A 108 -7.82 -17.73 -3.16
C GLU A 108 -8.97 -17.94 -2.17
N ARG A 109 -9.27 -16.90 -1.39
CA ARG A 109 -10.28 -17.02 -0.35
C ARG A 109 -11.63 -16.43 -0.77
N GLY A 110 -11.63 -15.67 -1.85
CA GLY A 110 -12.82 -14.96 -2.27
C GLY A 110 -13.05 -13.75 -1.38
N ALA A 111 -14.24 -13.17 -1.46
CA ALA A 111 -14.58 -12.03 -0.60
C ALA A 111 -14.31 -12.36 0.85
N LEU A 112 -13.81 -11.37 1.60
CA LEU A 112 -13.46 -11.58 3.00
C LEU A 112 -14.66 -11.33 3.91
N GLN A 113 -14.80 -12.17 4.94
CA GLN A 113 -15.78 -11.91 5.98
C GLN A 113 -15.52 -10.52 6.54
N GLU A 114 -16.59 -9.80 6.89
CA GLU A 114 -16.46 -8.41 7.30
C GLU A 114 -15.60 -8.23 8.55
N GLU A 115 -15.63 -9.20 9.45
CA GLU A 115 -14.80 -9.15 10.65
C GLU A 115 -13.32 -9.13 10.26
N LEU A 116 -12.97 -9.93 9.27
CA LEU A 116 -11.60 -10.01 8.79
C LEU A 116 -11.22 -8.74 8.02
N ALA A 117 -12.12 -8.28 7.17
CA ALA A 117 -11.89 -7.07 6.39
C ALA A 117 -11.72 -5.87 7.32
N ARG A 118 -12.51 -5.85 8.39
CA ARG A 118 -12.43 -4.77 9.37
C ARG A 118 -11.01 -4.67 9.94
N SER A 119 -10.48 -5.80 10.38
CA SER A 119 -9.14 -5.85 10.96
C SER A 119 -8.08 -5.45 9.94
N PHE A 120 -8.16 -6.00 8.74
CA PHE A 120 -7.20 -5.69 7.68
C PHE A 120 -7.26 -4.21 7.29
N PHE A 121 -8.46 -3.71 7.04
CA PHE A 121 -8.64 -2.32 6.64
C PHE A 121 -8.12 -1.38 7.71
N TRP A 122 -8.39 -1.70 8.97
CA TRP A 122 -7.92 -0.90 10.10
C TRP A 122 -6.40 -0.79 10.11
N GLN A 123 -5.73 -1.93 9.90
CA GLN A 123 -4.27 -1.96 9.90
C GLN A 123 -3.70 -1.14 8.75
N VAL A 124 -4.35 -1.21 7.59
CA VAL A 124 -3.93 -0.42 6.44
C VAL A 124 -4.07 1.07 6.75
N LEU A 125 -5.18 1.44 7.36
CA LEU A 125 -5.42 2.83 7.76
C LEU A 125 -4.33 3.32 8.71
N GLU A 126 -3.97 2.48 9.67
CA GLU A 126 -2.91 2.83 10.63
C GLU A 126 -1.58 3.02 9.91
N ALA A 127 -1.28 2.14 8.96
CA ALA A 127 -0.05 2.22 8.20
C ALA A 127 0.01 3.49 7.35
N VAL A 128 -1.11 3.81 6.70
CA VAL A 128 -1.17 4.99 5.85
C VAL A 128 -1.05 6.27 6.67
N ARG A 129 -1.67 6.27 7.85
CA ARG A 129 -1.61 7.41 8.75
C ARG A 129 -0.17 7.63 9.21
N HIS A 130 0.54 6.53 9.46
CA HIS A 130 1.94 6.59 9.85
C HIS A 130 2.76 7.27 8.76
N CYS A 131 2.53 6.87 7.51
CA CYS A 131 3.22 7.47 6.37
C CYS A 131 2.98 8.97 6.32
N HIS A 132 1.70 9.36 6.34
CA HIS A 132 1.32 10.77 6.28
C HIS A 132 1.92 11.57 7.43
N ASN A 133 2.01 10.95 8.60
CA ASN A 133 2.58 11.62 9.76
C ASN A 133 4.09 11.83 9.61
N CYS A 134 4.71 10.99 8.79
CA CYS A 134 6.14 11.11 8.52
C CYS A 134 6.40 11.91 7.25
N GLY A 135 5.35 12.51 6.72
CA GLY A 135 5.44 13.36 5.54
C GLY A 135 5.56 12.60 4.23
N VAL A 136 5.00 11.40 4.20
CA VAL A 136 5.08 10.56 3.00
C VAL A 136 3.71 10.17 2.46
N LEU A 137 3.56 10.31 1.15
CA LEU A 137 2.33 9.90 0.47
C LEU A 137 2.62 8.69 -0.43
N HIS A 138 1.90 7.60 -0.18
CA HIS A 138 2.17 6.34 -0.89
C HIS A 138 1.76 6.40 -2.37
N ARG A 139 0.51 6.78 -2.62
CA ARG A 139 0.04 7.00 -3.99
C ARG A 139 -0.31 5.73 -4.78
N ASP A 140 -0.13 4.56 -4.16
CA ASP A 140 -0.45 3.32 -4.85
C ASP A 140 -1.00 2.24 -3.91
N ILE A 141 -1.88 2.66 -3.00
CA ILE A 141 -2.52 1.73 -2.09
C ILE A 141 -3.44 0.79 -2.86
N LYS A 142 -3.16 -0.51 -2.75
CA LYS A 142 -3.97 -1.54 -3.40
C LYS A 142 -3.59 -2.90 -2.81
N ASP A 143 -4.39 -3.93 -3.11
CA ASP A 143 -4.17 -5.24 -2.50
C ASP A 143 -2.81 -5.85 -2.87
N GLU A 144 -2.32 -5.55 -4.06
CA GLU A 144 -1.03 -6.07 -4.51
C GLU A 144 0.12 -5.47 -3.71
N ASN A 145 -0.11 -4.30 -3.12
CA ASN A 145 0.95 -3.59 -2.40
C ASN A 145 0.85 -3.68 -0.88
N ILE A 146 0.19 -4.71 -0.38
CA ILE A 146 0.14 -4.94 1.07
C ILE A 146 0.35 -6.42 1.36
N LEU A 147 1.28 -6.70 2.28
CA LEU A 147 1.62 -8.07 2.62
C LEU A 147 0.95 -8.51 3.91
N ILE A 148 0.61 -9.79 3.98
CA ILE A 148 0.02 -10.36 5.18
C ILE A 148 0.98 -11.31 5.87
N ASP A 149 1.39 -10.96 7.08
CA ASP A 149 2.15 -11.88 7.92
C ASP A 149 1.19 -12.96 8.39
N LEU A 150 1.22 -14.11 7.73
CA LEU A 150 0.23 -15.15 7.95
C LEU A 150 0.21 -15.74 9.36
N ASN A 151 1.31 -15.58 10.09
CA ASN A 151 1.39 -16.08 11.47
C ASN A 151 0.89 -15.08 12.50
N ARG A 152 1.18 -13.80 12.27
CA ARG A 152 0.87 -12.76 13.26
C ARG A 152 -0.39 -11.96 12.91
N GLY A 153 -0.90 -12.16 11.70
CA GLY A 153 -2.09 -11.43 11.26
C GLY A 153 -1.84 -9.95 11.06
N GLU A 154 -0.58 -9.59 10.85
CA GLU A 154 -0.20 -8.19 10.67
C GLU A 154 0.02 -7.87 9.20
N LEU A 155 -0.54 -6.74 8.76
CA LEU A 155 -0.41 -6.30 7.38
C LEU A 155 0.72 -5.28 7.23
N LYS A 156 1.38 -5.31 6.08
CA LYS A 156 2.51 -4.41 5.82
C LYS A 156 2.42 -3.77 4.44
N LEU A 157 2.66 -2.46 4.39
CA LEU A 157 2.58 -1.69 3.17
C LEU A 157 3.90 -1.75 2.39
N ILE A 158 3.82 -1.95 1.08
CA ILE A 158 5.02 -2.06 0.27
C ILE A 158 5.01 -1.19 -0.99
N ASP A 159 6.21 -1.00 -1.56
CA ASP A 159 6.39 -0.25 -2.80
C ASP A 159 6.05 1.24 -2.69
N PHE A 160 7.07 2.05 -2.45
CA PHE A 160 6.92 3.50 -2.42
C PHE A 160 7.52 4.12 -3.68
N GLY A 161 7.64 3.30 -4.73
CA GLY A 161 8.23 3.74 -5.98
C GLY A 161 7.37 4.73 -6.74
N SER A 162 6.11 4.85 -6.34
CA SER A 162 5.21 5.79 -6.97
C SER A 162 4.84 6.91 -6.01
N GLY A 163 5.45 6.88 -4.83
CA GLY A 163 5.13 7.82 -3.76
C GLY A 163 5.71 9.21 -3.97
N ALA A 164 5.49 10.07 -2.97
CA ALA A 164 5.98 11.44 -3.01
C ALA A 164 5.94 12.04 -1.62
N LEU A 165 6.64 13.15 -1.43
CA LEU A 165 6.54 13.87 -0.17
C LEU A 165 5.13 14.42 -0.04
N LEU A 166 4.57 14.33 1.16
CA LEU A 166 3.23 14.85 1.40
C LEU A 166 3.24 16.37 1.36
N LYS A 167 2.31 16.95 0.62
CA LYS A 167 2.17 18.40 0.54
C LYS A 167 0.70 18.78 0.56
N ASP A 168 0.42 20.06 0.80
CA ASP A 168 -0.95 20.53 0.89
C ASP A 168 -1.44 21.16 -0.40
N THR A 169 -0.55 21.24 -1.38
CA THR A 169 -0.91 21.76 -2.69
C THR A 169 -1.23 20.62 -3.65
N VAL A 170 -1.70 20.97 -4.85
CA VAL A 170 -2.18 19.98 -5.80
C VAL A 170 -1.06 19.15 -6.45
N TYR A 171 -1.35 17.88 -6.67
CA TYR A 171 -0.48 17.01 -7.46
C TYR A 171 -0.99 17.00 -8.90
N THR A 172 -0.08 17.10 -9.86
CA THR A 172 -0.44 17.05 -11.27
C THR A 172 0.26 15.91 -11.98
N ASP A 173 0.95 15.09 -11.19
CA ASP A 173 1.60 13.89 -11.70
C ASP A 173 1.06 12.67 -10.97
N PHE A 174 1.02 11.54 -11.66
CA PHE A 174 0.53 10.30 -11.07
C PHE A 174 0.98 9.09 -11.88
N ASP A 175 1.61 8.13 -11.20
CA ASP A 175 2.02 6.90 -11.85
C ASP A 175 1.61 5.69 -11.02
N GLY A 176 0.57 5.86 -10.23
CA GLY A 176 0.02 4.76 -9.46
C GLY A 176 -0.85 3.88 -10.35
N THR A 177 -1.77 3.15 -9.75
CA THR A 177 -2.67 2.28 -10.50
C THR A 177 -3.94 3.03 -10.87
N ARG A 178 -4.22 3.15 -12.16
CA ARG A 178 -5.30 3.98 -12.65
C ARG A 178 -6.69 3.61 -12.09
N VAL A 179 -6.96 2.32 -11.97
CA VAL A 179 -8.27 1.87 -11.49
C VAL A 179 -8.46 2.15 -10.00
N TYR A 180 -7.40 2.61 -9.34
CA TYR A 180 -7.48 3.04 -7.95
C TYR A 180 -7.44 4.56 -7.85
N SER A 181 -7.23 5.23 -8.98
CA SER A 181 -7.12 6.68 -9.01
C SER A 181 -8.49 7.35 -9.01
N PRO A 182 -8.57 8.53 -8.38
CA PRO A 182 -9.84 9.26 -8.20
C PRO A 182 -10.33 9.92 -9.48
N PRO A 183 -11.62 10.25 -9.53
CA PRO A 183 -12.24 10.91 -10.69
C PRO A 183 -11.59 12.26 -11.02
N GLU A 184 -11.09 12.95 -10.00
CA GLU A 184 -10.46 14.25 -10.24
C GLU A 184 -9.16 14.13 -11.02
N TRP A 185 -8.48 12.99 -10.87
CA TRP A 185 -7.30 12.72 -11.67
C TRP A 185 -7.70 12.44 -13.11
N ILE A 186 -8.66 11.52 -13.27
CA ILE A 186 -9.15 11.14 -14.58
C ILE A 186 -9.63 12.35 -15.37
N ARG A 187 -10.37 13.23 -14.70
CA ARG A 187 -11.00 14.36 -15.37
C ARG A 187 -10.08 15.58 -15.53
N TYR A 188 -9.32 15.89 -14.48
CA TYR A 188 -8.56 17.13 -14.47
C TYR A 188 -7.05 16.95 -14.35
N HIS A 189 -6.60 15.71 -14.16
CA HIS A 189 -5.18 15.45 -13.93
C HIS A 189 -4.69 16.26 -12.73
N ARG A 190 -5.57 16.43 -11.75
CA ARG A 190 -5.23 17.13 -10.53
C ARG A 190 -5.88 16.43 -9.33
N TYR A 191 -5.14 16.35 -8.23
CA TYR A 191 -5.67 15.77 -7.01
C TYR A 191 -4.85 16.21 -5.82
N HIS A 192 -5.44 16.13 -4.63
CA HIS A 192 -4.72 16.38 -3.39
C HIS A 192 -4.44 15.06 -2.68
N GLY A 193 -3.33 15.02 -1.94
CA GLY A 193 -2.84 13.76 -1.37
C GLY A 193 -3.81 12.95 -0.55
N ARG A 194 -4.29 13.53 0.53
CA ARG A 194 -5.13 12.80 1.49
C ARG A 194 -6.46 12.32 0.92
N SER A 195 -7.17 13.22 0.23
CA SER A 195 -8.48 12.88 -0.33
C SER A 195 -8.35 11.83 -1.43
N ALA A 196 -7.24 11.86 -2.16
CA ALA A 196 -6.98 10.86 -3.18
C ALA A 196 -6.70 9.51 -2.54
N ALA A 197 -5.94 9.55 -1.44
CA ALA A 197 -5.64 8.34 -0.68
C ALA A 197 -6.92 7.70 -0.16
N VAL A 198 -7.83 8.54 0.33
CA VAL A 198 -9.10 8.02 0.85
C VAL A 198 -9.91 7.33 -0.24
N TRP A 199 -9.88 7.88 -1.46
CA TRP A 199 -10.57 7.24 -2.58
C TRP A 199 -10.01 5.84 -2.81
N SER A 200 -8.70 5.73 -2.87
CA SER A 200 -8.05 4.45 -3.12
C SER A 200 -8.39 3.47 -2.00
N LEU A 201 -8.57 3.98 -0.80
CA LEU A 201 -8.94 3.15 0.35
C LEU A 201 -10.36 2.63 0.18
N GLY A 202 -11.23 3.46 -0.40
CA GLY A 202 -12.59 3.03 -0.70
C GLY A 202 -12.58 1.89 -1.69
N ILE A 203 -11.74 2.01 -2.72
CA ILE A 203 -11.56 0.96 -3.69
C ILE A 203 -11.08 -0.32 -3.00
N LEU A 204 -10.09 -0.17 -2.13
CA LEU A 204 -9.52 -1.30 -1.41
C LEU A 204 -10.56 -2.03 -0.57
N LEU A 205 -11.34 -1.27 0.19
CA LEU A 205 -12.34 -1.85 1.07
C LEU A 205 -13.39 -2.63 0.29
N TYR A 206 -13.88 -2.04 -0.79
CA TYR A 206 -14.82 -2.73 -1.67
C TYR A 206 -14.19 -4.01 -2.16
N ASP A 207 -12.93 -3.92 -2.55
CA ASP A 207 -12.17 -5.07 -3.03
C ASP A 207 -12.15 -6.19 -2.00
N MET A 208 -11.96 -5.83 -0.74
CA MET A 208 -11.89 -6.80 0.34
C MET A 208 -13.20 -7.57 0.53
N VAL A 209 -14.31 -6.83 0.56
CA VAL A 209 -15.60 -7.42 0.88
C VAL A 209 -16.39 -7.91 -0.32
N CYS A 210 -15.88 -7.67 -1.52
CA CYS A 210 -16.57 -8.08 -2.74
C CYS A 210 -15.76 -9.06 -3.59
N GLY A 211 -14.45 -9.12 -3.34
CA GLY A 211 -13.59 -10.03 -4.07
C GLY A 211 -13.04 -9.43 -5.36
N ASP A 212 -13.49 -8.23 -5.69
CA ASP A 212 -12.99 -7.56 -6.89
C ASP A 212 -13.12 -6.04 -6.81
N ILE A 213 -12.40 -5.36 -7.69
CA ILE A 213 -12.44 -3.90 -7.78
C ILE A 213 -13.77 -3.44 -8.35
N PRO A 214 -14.26 -2.27 -7.92
CA PRO A 214 -15.56 -1.77 -8.36
C PRO A 214 -15.57 -1.19 -9.78
N PHE A 215 -14.46 -0.59 -10.20
CA PHE A 215 -14.41 0.08 -11.51
C PHE A 215 -13.32 -0.49 -12.42
N GLU A 216 -13.58 -0.49 -13.72
CA GLU A 216 -12.57 -0.89 -14.69
C GLU A 216 -12.25 0.22 -15.69
N HIS A 217 -13.28 0.88 -16.21
CA HIS A 217 -13.09 1.91 -17.22
C HIS A 217 -13.20 3.32 -16.64
N ASP A 218 -12.59 4.29 -17.31
CA ASP A 218 -12.61 5.68 -16.86
C ASP A 218 -14.04 6.17 -16.62
N GLU A 219 -14.95 5.84 -17.53
CA GLU A 219 -16.33 6.29 -17.43
C GLU A 219 -17.02 5.80 -16.17
N GLU A 220 -16.63 4.63 -15.70
CA GLU A 220 -17.19 4.06 -14.48
C GLU A 220 -16.67 4.81 -13.25
N ILE A 221 -15.37 5.10 -13.23
CA ILE A 221 -14.78 5.88 -12.16
C ILE A 221 -15.43 7.26 -12.07
N ILE A 222 -15.62 7.88 -13.23
CA ILE A 222 -16.22 9.21 -13.30
C ILE A 222 -17.68 9.23 -12.86
N ARG A 223 -18.40 8.16 -13.19
CA ARG A 223 -19.80 8.06 -12.76
C ARG A 223 -19.86 7.77 -11.26
N GLY A 224 -18.90 7.00 -10.77
CA GLY A 224 -18.75 6.76 -9.35
C GLY A 224 -19.90 6.01 -8.70
N GLN A 225 -20.64 5.24 -9.49
CA GLN A 225 -21.74 4.45 -8.94
C GLN A 225 -21.28 3.05 -8.52
N VAL A 226 -21.53 2.72 -7.26
CA VAL A 226 -21.10 1.43 -6.70
C VAL A 226 -22.26 0.44 -6.66
N PHE A 227 -22.00 -0.77 -7.15
CA PHE A 227 -22.96 -1.86 -7.05
C PHE A 227 -22.31 -3.03 -6.34
N PHE A 228 -23.05 -3.66 -5.43
CA PHE A 228 -22.50 -4.78 -4.66
C PHE A 228 -22.92 -6.14 -5.20
N ARG A 229 -21.93 -6.98 -5.43
CA ARG A 229 -22.14 -8.32 -5.97
C ARG A 229 -22.21 -9.34 -4.86
N GLN A 230 -21.84 -8.91 -3.66
CA GLN A 230 -21.84 -9.78 -2.49
C GLN A 230 -22.69 -9.17 -1.38
N ARG A 231 -23.17 -10.01 -0.47
CA ARG A 231 -23.88 -9.53 0.71
C ARG A 231 -22.92 -8.70 1.55
N VAL A 232 -23.19 -7.40 1.65
CA VAL A 232 -22.37 -6.50 2.46
C VAL A 232 -23.27 -5.67 3.36
N SER A 233 -22.89 -5.54 4.62
CA SER A 233 -23.68 -4.80 5.60
C SER A 233 -23.91 -3.37 5.13
N SER A 234 -25.00 -2.77 5.60
CA SER A 234 -25.34 -1.41 5.22
C SER A 234 -24.31 -0.41 5.75
N GLU A 235 -23.73 -0.72 6.90
CA GLU A 235 -22.70 0.14 7.49
C GLU A 235 -21.47 0.15 6.60
N CYS A 236 -21.05 -1.02 6.14
CA CYS A 236 -19.88 -1.14 5.28
C CYS A 236 -20.12 -0.47 3.95
N GLN A 237 -21.29 -0.71 3.36
CA GLN A 237 -21.67 -0.07 2.11
C GLN A 237 -21.58 1.44 2.24
N HIS A 238 -22.07 1.97 3.37
CA HIS A 238 -22.07 3.41 3.62
C HIS A 238 -20.66 3.96 3.67
N LEU A 239 -19.78 3.29 4.40
CA LEU A 239 -18.40 3.73 4.51
C LEU A 239 -17.71 3.75 3.15
N ILE A 240 -17.96 2.71 2.36
CA ILE A 240 -17.38 2.60 1.03
C ILE A 240 -17.83 3.74 0.13
N ARG A 241 -19.14 3.99 0.12
CA ARG A 241 -19.71 5.06 -0.70
C ARG A 241 -19.23 6.43 -0.25
N TRP A 242 -18.92 6.54 1.04
CA TRP A 242 -18.43 7.80 1.60
C TRP A 242 -17.01 8.07 1.11
N CYS A 243 -16.17 7.04 1.15
CA CYS A 243 -14.81 7.15 0.68
C CYS A 243 -14.75 7.41 -0.83
N LEU A 244 -15.76 6.91 -1.53
CA LEU A 244 -15.80 7.04 -2.99
C LEU A 244 -16.68 8.21 -3.46
N ALA A 245 -16.85 9.20 -2.60
CA ALA A 245 -17.58 10.40 -2.97
C ALA A 245 -16.89 11.05 -4.16
N LEU A 246 -17.67 11.45 -5.16
CA LEU A 246 -17.10 12.06 -6.36
C LEU A 246 -16.34 13.34 -6.04
N ARG A 247 -16.93 14.18 -5.18
CA ARG A 247 -16.26 15.39 -4.73
C ARG A 247 -15.27 15.07 -3.61
N PRO A 248 -13.99 15.39 -3.82
CA PRO A 248 -12.95 15.15 -2.82
C PRO A 248 -13.34 15.67 -1.44
N SER A 249 -13.96 16.84 -1.39
CA SER A 249 -14.34 17.46 -0.11
C SER A 249 -15.49 16.72 0.57
N ASP A 250 -16.13 15.83 -0.17
CA ASP A 250 -17.23 15.04 0.38
C ASP A 250 -16.73 13.76 1.03
N ARG A 251 -15.46 13.45 0.83
CA ARG A 251 -14.88 12.23 1.39
C ARG A 251 -14.49 12.43 2.84
N PRO A 252 -14.48 11.32 3.60
CA PRO A 252 -14.18 11.37 5.04
C PRO A 252 -12.69 11.57 5.29
N THR A 253 -12.37 12.21 6.41
CA THR A 253 -10.99 12.28 6.86
C THR A 253 -10.63 10.90 7.41
N PHE A 254 -9.36 10.67 7.70
CA PHE A 254 -8.93 9.39 8.26
C PHE A 254 -9.54 9.18 9.64
N GLU A 255 -9.67 10.26 10.41
CA GLU A 255 -10.29 10.19 11.71
C GLU A 255 -11.75 9.78 11.57
N GLU A 256 -12.43 10.34 10.58
CA GLU A 256 -13.83 10.03 10.34
C GLU A 256 -14.04 8.58 9.92
N ILE A 257 -13.11 8.05 9.12
CA ILE A 257 -13.18 6.65 8.72
C ILE A 257 -13.08 5.74 9.93
N GLN A 258 -12.07 5.98 10.77
CA GLN A 258 -11.82 5.13 11.93
C GLN A 258 -12.85 5.31 13.04
N ASN A 259 -13.64 6.38 12.95
CA ASN A 259 -14.72 6.60 13.91
C ASN A 259 -16.07 6.15 13.36
N HIS A 260 -16.06 5.66 12.12
CA HIS A 260 -17.28 5.16 11.49
C HIS A 260 -17.80 3.93 12.23
N PRO A 261 -19.13 3.77 12.29
CA PRO A 261 -19.76 2.65 13.00
C PRO A 261 -19.23 1.28 12.57
N TRP A 262 -18.96 1.10 11.28
CA TRP A 262 -18.48 -0.18 10.80
C TRP A 262 -17.06 -0.49 11.30
N MET A 263 -16.35 0.55 11.72
CA MET A 263 -14.95 0.41 12.09
C MET A 263 -14.78 0.09 13.57
N GLN A 264 -15.88 -0.05 14.29
CA GLN A 264 -15.84 -0.24 15.74
C GLN A 264 -15.55 -1.69 16.16
N ASP A 265 -14.84 -1.83 17.27
CA ASP A 265 -14.57 -3.14 17.86
C ASP A 265 -13.68 -4.02 16.98
N VAL A 266 -12.66 -3.42 16.37
CA VAL A 266 -11.74 -4.17 15.54
C VAL A 266 -10.96 -5.19 16.34
N LEU A 267 -10.66 -6.33 15.75
CA LEU A 267 -9.83 -7.34 16.38
C LEU A 267 -8.37 -6.91 16.32
N LEU A 268 -7.59 -7.31 17.31
CA LEU A 268 -6.15 -7.11 17.26
C LEU A 268 -5.59 -8.06 16.22
N PRO A 269 -4.39 -7.74 15.68
CA PRO A 269 -3.77 -8.61 14.68
C PRO A 269 -3.71 -10.08 15.12
N GLN A 270 -3.25 -10.30 16.35
CA GLN A 270 -3.08 -11.66 16.86
C GLN A 270 -4.42 -12.43 16.92
N GLU A 271 -5.45 -11.77 17.44
CA GLU A 271 -6.77 -12.37 17.50
C GLU A 271 -7.27 -12.69 16.10
N THR A 272 -6.98 -11.78 15.18
CA THR A 272 -7.39 -11.95 13.78
C THR A 272 -6.78 -13.22 13.19
N ALA A 273 -5.52 -13.45 13.49
CA ALA A 273 -4.81 -14.63 12.97
C ALA A 273 -5.35 -15.92 13.57
N GLU A 274 -5.57 -15.91 14.88
CA GLU A 274 -6.09 -17.08 15.58
C GLU A 274 -7.44 -17.52 15.01
N ILE A 275 -8.28 -16.54 14.68
CA ILE A 275 -9.63 -16.82 14.22
C ILE A 275 -9.72 -17.07 12.72
N HIS A 276 -8.97 -16.30 11.93
CA HIS A 276 -9.15 -16.31 10.48
C HIS A 276 -8.00 -16.91 9.69
N LEU A 277 -6.81 -17.00 10.28
CA LEU A 277 -5.63 -17.44 9.55
C LEU A 277 -5.08 -18.79 10.00
N HIS A 278 -5.39 -19.17 11.24
CA HIS A 278 -4.91 -20.44 11.79
C HIS A 278 -5.89 -21.56 11.54
C9 5E6 B . 6.43 -8.82 -4.81
C2 5E6 B . 7.63 -11.00 0.23
C10 5E6 B . 5.83 -9.54 -5.99
C6 5E6 B . 6.23 -11.83 -1.46
C1 5E6 B . 6.95 -12.04 -0.33
C3 5E6 B . 7.60 -9.78 -0.36
N4 5E6 B . 6.90 -9.62 -1.42
C5 5E6 B . 6.21 -10.56 -1.98
N7 5E6 B . 5.48 -10.27 -3.09
C8 5E6 B . 5.49 -8.93 -3.64
C11 5E6 B . 4.55 -8.82 -6.36
C12 5E6 B . 3.51 -8.87 -5.25
C13 5E6 B . 4.11 -8.37 -3.95
N14 5E6 B . 2.33 -8.09 -5.58
C15 5E6 B . 8.34 -8.65 0.25
C16 5E6 B . 8.51 -7.33 -0.33
C17 5E6 B . 8.12 -6.72 -1.50
C18 5E6 B . 8.48 -5.40 -1.72
N19 5E6 B . 9.15 -4.75 -0.82
C20 5E6 B . 9.54 -5.31 0.28
C21 5E6 B . 9.22 -6.61 0.58
N22 5E6 B . 9.47 -7.42 1.61
N24 5E6 B . 8.92 -8.64 1.39
C25 5E6 B . 8.09 -4.70 -2.95
C26 5E6 B . 7.14 -5.19 -3.82
C27 5E6 B . 6.84 -4.47 -4.94
C28 5E6 B . 7.48 -3.28 -5.14
N29 5E6 B . 8.38 -2.85 -4.31
C30 5E6 B . 8.69 -3.49 -3.24
H23 5E6 B . 9.97 -7.18 2.40
#